data_1KVH
#
_entry.id   1KVH
#
loop_
_entity.id
_entity.type
_entity.pdbx_description
1 polymer "5'-D(*CP*CP*CP*GP*AP*TP*GP*C)-3'"
2 polymer "5'-D(*GP*CP*AP*AP*TP*TP*CP*GP*GP*G)-3'"
3 non-polymer "SPIRO[[7-METHOXY-5-METHYL-1,2-DIHYDRO-NAPHTHALENE]-3,1'-[5-HYDROXY-9-[2-METHYLAMINO-2,6-DIDEOXYGALACTOPYRANOSYL-OXY]-5-(2-OXO-[1,3]DIOXOLAN-4-YL)-3A,5,9,9A-TETRAHYDRO-3H-1-OXA-CYCLOPENTA[A]-S-INDACEN-2-ONE]]"
#
loop_
_entity_poly.entity_id
_entity_poly.type
_entity_poly.pdbx_seq_one_letter_code
_entity_poly.pdbx_strand_id
1 'polydeoxyribonucleotide' (DC)(DC)(DC)(DG)(DA)(DT)(DG)(DC) A
2 'polydeoxyribonucleotide' (DG)(DC)(DA)(DA)(DT)(DT)(DC)(DG)(DG)(DG) B
#
loop_
_chem_comp.id
_chem_comp.type
_chem_comp.name
_chem_comp.formula
DA DNA linking 2'-DEOXYADENOSINE-5'-MONOPHOSPHATE 'C10 H14 N5 O6 P'
DC DNA linking 2'-DEOXYCYTIDINE-5'-MONOPHOSPHATE 'C9 H14 N3 O7 P'
DG DNA linking 2'-DEOXYGUANOSINE-5'-MONOPHOSPHATE 'C10 H14 N5 O7 P'
DT DNA linking THYMIDINE-5'-MONOPHOSPHATE 'C10 H15 N2 O8 P'
NCS non-polymer SPIRO[[7-METHOXY-5-METHYL-1,2-DIHYDRO-NAPHTHALENE]-3,1'-[5-HYDROXY-9-[2-METHYLAMINO-2,6-DIDEOXYGALACTOPYRANOSYL-OXY]-5-(2-OXO-[1,3]DIOXOLAN-4-YL)-3A,5,9,9A-TETRAHYDRO-3H-1-OXA-CYCLOPENTA[A]-S-INDACEN-2-ONE]] 'C35 H36 N O12 1'
#
# COMPACT_ATOMS: atom_id res chain seq x y z
C1 NCS C . -0.09 0.87 -0.88
C2 NCS C . 0.32 0.83 -2.18
C3 NCS C . 1.21 -0.14 -2.55
C4 NCS C . 1.66 -1.07 -1.58
C5 NCS C . 1.26 -1.03 -0.29
C6 NCS C . 0.37 -0.06 0.07
C7 NCS C . 1.83 -0.49 -3.81
C8 NCS C . 2.64 -1.59 -3.54
C9 NCS C . 2.62 -2.06 -2.11
O9 NCS C . 3.88 -1.86 -1.54
C10 NCS C . -0.19 0.23 1.39
C11 NCS C . -0.79 1.63 1.23
C12 NCS C . -1.01 1.83 -0.27
C13 NCS C . 2.14 -3.50 -1.94
O14 NCS C . 3.24 -4.37 -2.07
C15 NCS C . 3.03 -5.24 -3.09
O15 NCS C . 3.82 -6.10 -3.42
O16 NCS C . 1.83 -5.02 -3.68
C17 NCS C . 1.19 -3.94 -3.06
O18 NCS C . 0.17 2.52 1.74
C19 NCS C . 1.08 1.89 2.52
O19 NCS C . 2.00 2.45 3.12
C20 NCS C . 0.86 0.37 2.48
C21 NCS C . 0.25 -0.13 3.79
O21 NCS C . -0.56 0.59 4.36
C22 NCS C . 0.55 -1.49 4.20
C23 NCS C . 1.47 -2.28 3.54
C24 NCS C . 2.36 -1.65 2.65
C25 NCS C . 2.15 -0.34 2.15
C26 NCS C . 3.12 0.24 1.31
C27 NCS C . 4.26 -0.47 1.01
O27 NCS C . 5.22 0.10 0.20
C28 NCS C . 4.46 -1.75 1.49
C29 NCS C . 3.52 -2.36 2.31
C30 NCS C . 3.78 -3.76 2.82
C31 NCS C . 6.43 0.19 0.91
O1' NCS C . -2.35 1.50 -0.54
C1' NCS C . -3.24 2.55 -0.23
C2' NCS C . -4.67 2.11 -0.50
N2' NCS C . -5.08 0.95 0.28
C2M NCS C . -4.96 1.22 1.71
C3' NCS C . -4.82 1.83 -2.00
O3' NCS C . -6.17 1.56 -2.28
C4' NCS C . -4.36 3.05 -2.80
O4' NCS C . -5.21 4.13 -2.54
C5' NCS C . -2.92 3.39 -2.41
C5M NCS C . -2.44 4.64 -3.16
O5' NCS C . -2.89 3.66 -1.02
H2 NCS C . -0.03 1.55 -2.90
H5 NCS C . 1.62 -1.75 0.44
H7 NCS C . 1.71 0.02 -4.75
H8 NCS C . 3.24 -2.09 -4.29
HO9 NCS C . 4.41 -2.62 -1.79
H10 NCS C . -0.99 -0.48 1.64
H11 NCS C . -1.74 1.69 1.76
H12 NCS C . -0.79 2.85 -0.61
H13 NCS C . 1.65 -3.61 -0.98
H171 NCS C . 0.23 -4.24 -2.63
H172 NCS C . 1.03 -3.13 -3.77
H22 NCS C . 0.07 -1.88 5.09
H23 NCS C . 1.63 -3.30 3.85
H26 NCS C . 2.98 1.24 0.92
H28 NCS C . 5.36 -2.28 1.23
H301 NCS C . 4.39 -4.30 2.09
H302 NCS C . 4.31 -3.72 3.75
H303 NCS C . 2.85 -4.29 2.95
H311 NCS C . 7.23 0.52 0.26
H312 NCS C . 6.33 0.90 1.74
H313 NCS C . 6.70 -0.78 1.33
H1' NCS C . -3.14 2.82 0.82
H2' NCS C . -5.34 2.93 -0.22
HN21 NCS C . -4.77 0.34 0.08
HN22 NCS C . -6.06 0.71 0.06
HM21 NCS C . -5.33 2.23 1.92
HM22 NCS C . -3.92 1.14 2.01
HM23 NCS C . -5.56 0.50 2.28
H3' NCS C . -4.23 0.96 -2.29
HO3' NCS C . -6.57 2.39 -2.49
H4' NCS C . -4.39 2.83 -3.87
HO4' NCS C . -4.80 4.63 -1.84
H5' NCS C . -2.26 2.55 -2.66
HM51 NCS C . -1.41 4.87 -2.88
HM52 NCS C . -3.08 5.48 -2.92
HM53 NCS C . -2.48 4.46 -4.23
C1 NCS C . -0.07 0.78 -0.75
C2 NCS C . 0.35 0.84 -2.05
C3 NCS C . 1.23 -0.11 -2.47
C4 NCS C . 1.70 -1.09 -1.58
C5 NCS C . 1.29 -1.14 -0.28
C6 NCS C . 0.40 -0.21 0.14
C7 NCS C . 1.86 -0.35 -3.76
C8 NCS C . 2.67 -1.47 -3.57
C9 NCS C . 2.65 -2.03 -2.17
O9 NCS C . 3.92 -1.88 -1.58
C10 NCS C . -0.17 -0.02 1.48
C11 NCS C . -0.79 1.38 1.41
C12 NCS C . -1.00 1.69 -0.07
C13 NCS C . 2.19 -3.48 -2.09
O14 NCS C . 3.30 -4.34 -2.28
C15 NCS C . 3.08 -5.15 -3.35
O15 NCS C . 3.87 -5.99 -3.74
O16 NCS C . 1.88 -4.90 -3.93
C17 NCS C . 1.24 -3.86 -3.23
O18 NCS C . 0.16 2.24 1.99
C19 NCS C . 1.08 1.58 2.73
O19 NCS C . 1.98 2.10 3.37
C20 NCS C . 0.91 0.06 2.58
C21 NCS C . 0.30 -0.54 3.85
O21 NCS C . -0.53 0.11 4.47
C22 NCS C . 0.64 -1.93 4.15
C23 NCS C . 1.58 -2.64 3.43
C24 NCS C . 2.45 -1.93 2.59
C25 NCS C . 2.20 -0.58 2.18
C26 NCS C . 3.15 0.08 1.38
C27 NCS C . 4.30 -0.59 1.01
O27 NCS C . 5.24 0.06 0.23
C28 NCS C . 4.53 -1.89 1.42
C29 NCS C . 3.63 -2.58 2.20
C30 NCS C . 3.93 -4.00 2.62
C31 NCS C . 6.46 0.13 0.93
O1' NCS C . -2.34 1.38 -0.36
C1' NCS C . -3.21 2.41 0.03
C2' NCS C . -4.66 2.00 -0.24
N2' NCS C . -5.05 0.81 0.50
C2M NCS C . -4.96 1.05 1.94
C3' NCS C . -4.83 1.80 -1.74
O3' NCS C . -6.19 1.54 -2.01
C4' NCS C . -4.38 3.06 -2.49
O4' NCS C . -5.23 4.12 -2.14
C5' NCS C . -2.93 3.38 -2.11
C5M NCS C . -2.47 4.67 -2.80
O5' NCS C . -2.88 3.57 -0.71
H2 NCS C . -0.02 1.60 -2.71
H5 NCS C . 1.66 -1.91 0.38
H7 NCS C . 1.74 0.22 -4.67
H8 NCS C . 3.28 -1.90 -4.35
HO9 NCS C . 4.44 -2.62 -1.86
H10 NCS C . -0.95 -0.75 1.68
H11 NCS C . -1.74 1.39 1.94
H12 NCS C . -0.78 2.73 -0.33
H13 NCS C . 1.72 -3.67 -1.13
H171 NCS C . 0.29 -4.20 -2.81
H172 NCS C . 1.06 -3.01 -3.90
H22 NCS C . 0.17 -2.40 5.00
H23 NCS C . 1.76 -3.67 3.66
H26 NCS C . 2.97 1.10 1.07
H28 NCS C . 5.45 -2.38 1.11
H301 NCS C . 5.00 -4.13 2.68
H302 NCS C . 3.53 -4.68 1.88
H303 NCS C . 3.49 -4.20 3.59
H311 NCS C . 6.77 -0.87 1.23
H312 NCS C . 6.36 0.74 1.82
H313 NCS C . 7.23 0.55 0.30
H1' NCS C . -3.09 2.62 1.09
H2' NCS C . -5.30 2.81 0.09
HN21 NCS C . -4.74 0.20 0.30
HN22 NCS C . -6.04 0.58 0.25
HM21 NCS C . -5.63 0.36 2.46
HM22 NCS C . -5.24 2.07 2.17
HM23 NCS C . -3.94 0.86 2.27
H3' NCS C . -4.25 0.95 -2.09
HO3' NCS C . -6.60 2.38 -2.13
H4' NCS C . -4.45 2.91 -3.57
HO4' NCS C . -4.79 4.60 -1.45
H5' NCS C . -2.28 2.57 -2.42
HM51 NCS C . -3.11 5.51 -2.51
HM52 NCS C . -1.45 4.90 -2.52
HM53 NCS C . -2.52 4.55 -3.88
C1 NCS C . -0.05 0.82 -0.96
C2 NCS C . 0.41 0.76 -2.24
C3 NCS C . 1.26 -0.25 -2.57
C4 NCS C . 1.66 -1.18 -1.59
C5 NCS C . 1.22 -1.12 -0.31
C6 NCS C . 0.35 -0.13 0.01
C7 NCS C . 1.92 -0.61 -3.81
C8 NCS C . 2.68 -1.74 -3.52
C9 NCS C . 2.59 -2.20 -2.08
O9 NCS C . 3.85 -2.05 -1.47
C10 NCS C . -0.25 0.19 1.32
C11 NCS C . -0.80 1.61 1.13
C12 NCS C . -0.96 1.82 -0.38
C13 NCS C . 2.06 -3.63 -1.91
O14 NCS C . 3.15 -4.53 -1.99
C15 NCS C . 2.94 -5.41 -2.99
O15 NCS C . 3.72 -6.31 -3.29
O16 NCS C . 1.77 -5.17 -3.63
C17 NCS C . 1.15 -4.06 -3.06
O18 NCS C . 0.16 2.48 1.68
C19 NCS C . 1.02 1.83 2.50
O19 NCS C . 1.90 2.36 3.16
C20 NCS C . 0.79 0.31 2.44
C21 NCS C . 0.12 -0.18 3.73
O21 NCS C . -0.71 0.53 4.28
C22 NCS C . 0.40 -1.56 4.13
C23 NCS C . 1.34 -2.34 3.49
C24 NCS C . 2.25 -1.73 2.63
C25 NCS C . 2.07 -0.42 2.13
C26 NCS C . 3.06 0.16 1.32
C27 NCS C . 4.20 -0.56 1.03
O27 NCS C . 5.18 0.00 0.25
C28 NCS C . 4.36 -1.85 1.52
C29 NCS C . 3.41 -2.45 2.32
C30 NCS C . 3.65 -3.86 2.81
C31 NCS C . 6.37 0.08 0.99
O1' NCS C . -2.29 1.52 -0.70
C1' NCS C . -3.16 2.59 -0.41
C2' NCS C . -4.61 2.17 -0.67
N2' NCS C . -5.00 1.01 0.12
C2M NCS C . -5.10 1.35 1.54
C3' NCS C . -4.76 1.88 -2.17
O3' NCS C . -6.11 1.63 -2.44
C4' NCS C . -4.28 3.09 -2.97
O4' NCS C . -5.13 4.19 -2.70
C5' NCS C . -2.83 3.42 -2.60
C5M NCS C . -2.34 4.63 -3.36
O5' NCS C . -2.81 3.69 -1.22
H2 NCS C . 0.10 1.49 -2.97
H5 NCS C . 1.52 -1.85 0.43
H7 NCS C . 1.84 -0.10 -4.76
H8 NCS C . 3.29 -2.26 -4.24
HO9 NCS C . 4.35 -2.82 -1.68
H10 NCS C . -1.07 -0.48 1.54
H11 NCS C . -1.77 1.69 1.62
H12 NCS C . -0.70 2.82 -0.71
H13 NCS C . 1.55 -3.71 -0.96
H171 NCS C . 0.16 -4.31 -2.65
H172 NCS C . 1.03 -3.26 -3.79
H22 NCS C . -0.11 -1.95 5.01
H23 NCS C . 1.47 -3.37 3.81
H26 NCS C . 2.93 1.16 0.93
H28 NCS C . 5.27 -2.39 1.27
H301 NCS C . 2.71 -4.38 2.93
H302 NCS C . 4.15 -3.82 3.77
H303 NCS C . 4.26 -4.39 2.11
H311 NCS C . 6.26 0.79 1.81
H312 NCS C . 7.19 0.41 0.35
H313 NCS C . 6.63 -0.90 1.40
H1' NCS C . -3.06 2.87 0.64
H2' NCS C . -5.26 2.99 -0.38
HN21 NCS C . -5.54 0.65 -0.18
HN22 NCS C . -4.30 0.26 0.00
HM21 NCS C . -5.68 2.26 1.66
HM22 NCS C . -5.57 0.54 2.07
HM23 NCS C . -4.10 1.51 1.94
H3' NCS C . -4.18 1.02 -2.46
HO3' NCS C . -6.50 2.46 -2.68
H4' NCS C . -4.35 2.89 -4.04
HO4' NCS C . -4.69 4.71 -2.04
H5' NCS C . -2.20 2.56 -2.85
HM51 NCS C . -1.31 4.86 -3.08
HM52 NCS C . -2.96 5.51 -3.14
HM53 NCS C . -2.37 4.45 -4.44
C1 NCS C . 0.23 0.80 -0.98
C2 NCS C . 0.69 0.63 -2.25
C3 NCS C . 1.55 -0.39 -2.50
C4 NCS C . 1.94 -1.24 -1.44
C5 NCS C . 1.50 -1.08 -0.17
C6 NCS C . 0.63 -0.05 0.06
C7 NCS C . 2.21 -0.84 -3.70
C8 NCS C . 2.98 -1.95 -3.33
C9 NCS C . 2.89 -2.29 -1.86
O9 NCS C . 4.14 -2.10 -1.24
C10 NCS C . 0.02 0.35 1.34
C11 NCS C . -0.52 1.75 1.04
C12 NCS C . -0.69 1.83 -0.48
C13 NCS C . 2.36 -3.70 -1.61
O14 NCS C . 3.43 -4.61 -1.68
C15 NCS C . 3.20 -5.52 -2.66
O15 NCS C . 3.97 -6.42 -2.96
O16 NCS C . 2.02 -5.29 -3.28
C17 NCS C . 1.40 -4.16 -2.71
O18 NCS C . 0.45 2.65 1.51
C19 NCS C . 1.31 2.05 2.37
O19 NCS C . 2.23 2.62 2.95
C20 NCS C . 1.04 0.55 2.46
C21 NCS C . 0.34 0.19 3.77
O21 NCS C . -0.47 0.99 4.25
C22 NCS C . 0.54 -1.15 4.30
C23 NCS C . 1.44 -2.03 3.74
C24 NCS C . 2.41 -1.52 2.86
C25 NCS C . 2.30 -0.25 2.25
C26 NCS C . 3.34 0.22 1.44
C27 NCS C . 4.46 -0.57 1.26
O27 NCS C . 5.50 -0.11 0.48
C28 NCS C . 4.56 -1.82 1.85
C29 NCS C . 3.55 -2.32 2.65
C30 NCS C . 3.71 -3.68 3.26
C31 NCS C . 6.66 -0.01 1.28
O1' NCS C . -2.03 1.49 -0.78
C1' NCS C . -2.90 2.57 -0.58
C2' NCS C . -4.34 2.14 -0.91
N2' NCS C . -4.79 1.01 -0.10
C2M NCS C . -4.71 1.32 1.33
C3' NCS C . -4.40 1.79 -2.39
O3' NCS C . -5.74 1.53 -2.73
C4' NCS C . -3.86 2.95 -3.23
O4' NCS C . -4.70 4.06 -3.08
C5' NCS C . -2.45 3.29 -2.78
C5M NCS C . -1.89 4.46 -3.57
O5' NCS C . -2.50 3.62 -1.41
H2 NCS C . 0.38 1.30 -3.04
H5 NCS C . 1.82 -1.75 0.62
H7 NCS C . 2.14 -0.42 -4.70
H8 NCS C . 3.60 -2.51 -4.00
HO9 NCS C . 4.67 -2.85 -1.49
H10 NCS C . -0.80 -0.31 1.61
H11 NCS C . -1.49 1.87 1.53
H12 NCS C . -0.44 2.81 -0.89
H13 NCS C . 1.86 -3.75 -0.64
H171 NCS C . 0.44 -4.42 -2.27
H172 NCS C . 1.26 -3.39 -3.46
H22 NCS C . -0.01 -1.45 5.18
H23 NCS C . 1.52 -3.04 4.13
H26 NCS C . 3.28 1.19 0.97
H28 NCS C . 5.45 -2.41 1.68
H301 NCS C . 4.18 -3.59 4.23
H302 NCS C . 2.75 -4.16 3.37
H303 NCS C . 4.33 -4.29 2.63
H311 NCS C . 6.89 -0.97 1.75
H312 NCS C . 7.52 0.27 0.67
H313 NCS C . 6.52 0.73 2.06
H1' NCS C . -2.86 2.90 0.46
H2' NCS C . -5.00 2.98 -0.70
HN21 NCS C . -4.48 0.38 -0.27
HN22 NCS C . -5.76 0.78 -0.35
HM21 NCS C . -3.66 1.37 1.62
HM22 NCS C . -5.19 2.27 1.52
HM23 NCS C . -5.21 0.54 1.89
H3' NCS C . -3.83 0.89 -2.61
HO3' NCS C . -6.13 2.37 -2.94
H4' NCS C . -3.85 2.67 -4.29
HO4' NCS C . -4.34 4.57 -2.36
H5' NCS C . -1.80 2.42 -2.94
HM51 NCS C . -0.87 4.69 -3.26
HM52 NCS C . -1.89 4.23 -4.63
HM53 NCS C . -2.51 5.35 -3.42
C1 NCS C . -0.44 0.97 -0.16
C2 NCS C . 0.07 0.96 -1.42
C3 NCS C . 1.01 0.02 -1.73
C4 NCS C . 1.43 -0.90 -0.75
C5 NCS C . 0.93 -0.89 0.52
C6 NCS C . -0.02 0.04 0.82
C7 NCS C . 1.74 -0.27 -2.94
C8 NCS C . 2.56 -1.35 -2.64
C9 NCS C . 2.46 -1.84 -1.21
O9 NCS C . 3.67 -1.63 -0.54
C10 NCS C . -0.69 0.29 2.10
C11 NCS C . -1.33 1.66 1.90
C12 NCS C . -1.44 1.89 0.39
C13 NCS C . 2.02 -3.30 -1.10
O14 NCS C . 3.16 -4.13 -1.15
C15 NCS C . 3.06 -5.00 -2.19
O15 NCS C . 3.90 -5.83 -2.47
O16 NCS C . 1.90 -4.81 -2.88
C17 NCS C . 1.17 -3.75 -2.29
O18 NCS C . -0.46 2.58 2.50
C19 NCS C . 0.42 1.98 3.34
O19 NCS C . 1.25 2.56 4.02
C20 NCS C . 0.28 0.46 3.27
C21 NCS C . -0.42 -0.09 4.52
O21 NCS C . -1.31 0.59 5.04
C22 NCS C . -0.10 -1.45 4.94
C23 NCS C . 0.91 -2.18 4.33
C24 NCS C . 1.84 -1.50 3.53
C25 NCS C . 1.62 -0.19 3.03
C26 NCS C . 2.61 0.45 2.28
C27 NCS C . 3.81 -0.21 2.05
O27 NCS C . 4.81 0.41 1.32
C28 NCS C . 4.03 -1.48 2.55
C29 NCS C . 3.06 -2.15 3.28
C30 NCS C . 3.35 -3.54 3.80
C31 NCS C . 5.95 0.55 2.13
O1' NCS C . -2.74 1.51 0.02
C1' NCS C . -3.69 2.52 0.27
C2' NCS C . -5.09 2.03 -0.09
N2' NCS C . -5.50 0.86 0.66
C2M NCS C . -5.50 1.13 2.09
C3' NCS C . -5.11 1.76 -1.59
O3' NCS C . -6.43 1.42 -1.97
C4' NCS C . -4.65 3.00 -2.36
O4' NCS C . -5.57 4.04 -2.14
C5' NCS C . -3.26 3.40 -1.86
C5M NCS C . -2.79 4.68 -2.57
O5' NCS C . -3.34 3.65 -0.48
H2 NCS C . -0.27 1.67 -2.16
H5 NCS C . 1.27 -1.61 1.26
H7 NCS C . 1.68 0.24 -3.89
H8 NCS C . 3.25 -1.81 -3.34
HO9 NCS C . 4.23 -2.36 -0.75
H10 NCS C . -1.47 -0.45 2.28
H11 NCS C . -2.32 1.67 2.36
H12 NCS C . -1.24 2.91 0.10
H13 NCS C . 1.48 -3.45 -0.17
H171 NCS C . 0.20 -4.10 -1.93
H172 NCS C . 1.04 -2.95 -3.01
H22 NCS C . -0.62 -1.87 5.77
H23 NCS C . 1.08 -3.20 4.63
H26 NCS C . 2.46 1.44 1.89
H28 NCS C . 4.97 -1.97 2.35
H301 NCS C . 4.41 -3.64 3.97
H302 NCS C . 2.83 -3.71 4.74
H303 NCS C . 3.03 -4.26 3.07
H311 NCS C . 6.26 -0.42 2.53
H312 NCS C . 6.77 0.97 1.56
H313 NCS C . 5.74 1.21 2.97
H1' NCS C . -3.66 2.78 1.34
H2' NCS C . -5.80 2.83 0.14
HN21 NCS C . -5.17 0.26 0.47
HN22 NCS C . -6.46 0.59 0.36
HM21 NCS C . -5.91 2.12 2.29
HM22 NCS C . -6.10 0.38 2.61
HM23 NCS C . -4.48 1.09 2.46
H3' NCS C . -4.46 0.92 -1.85
HO3' NCS C . -6.84 2.23 -2.24
H4' NCS C . -4.62 2.80 -3.43
HO4' NCS C . -5.23 4.56 -1.43
H5' NCS C . -2.56 2.61 -2.08
HM51 NCS C . -2.76 4.51 -3.65
HM52 NCS C . -1.80 4.96 -2.22
HM53 NCS C . -3.48 5.50 -2.37
C1 NCS C . -0.46 0.79 -0.29
C2 NCS C . -0.04 0.71 -1.58
C3 NCS C . 0.85 -0.27 -1.89
C4 NCS C . 1.31 -1.15 -0.90
C5 NCS C . 0.90 -1.07 0.39
C6 NCS C . 0.00 -0.10 0.70
C7 NCS C . 1.49 -0.64 -3.14
C8 NCS C . 2.32 -1.74 -2.83
C9 NCS C . 2.27 -2.15 -1.38
O9 NCS C . 3.53 -1.95 -0.80
C10 NCS C . -0.59 0.23 2.01
C11 NCS C . -1.20 1.61 1.79
C12 NCS C . -1.41 1.77 0.28
C13 NCS C . 1.81 -3.59 -1.18
O14 NCS C . 2.91 -4.46 -1.29
C15 NCS C . 2.69 -5.35 -2.27
O15 NCS C . 3.48 -6.23 -2.59
O16 NCS C . 1.49 -5.15 -2.87
C17 NCS C . 0.85 -4.06 -2.28
O18 NCS C . -0.26 2.54 2.29
C19 NCS C . 0.66 1.95 3.09
O19 NCS C . 1.56 2.54 3.67
C20 NCS C . 0.47 0.42 3.11
C21 NCS C . -0.16 -0.03 4.42
O21 NCS C . -0.99 0.70 4.97
C22 NCS C . 0.14 -1.38 4.88
C23 NCS C . 1.08 -2.18 4.25
C24 NCS C . 1.98 -1.57 3.36
C25 NCS C . 1.76 -0.28 2.81
C26 NCS C . 2.74 0.29 1.97
C27 NCS C . 3.89 -0.42 1.70
O27 NCS C . 4.85 0.13 0.88
C28 NCS C . 4.09 -1.68 2.24
C29 NCS C . 3.16 -2.28 3.07
C30 NCS C . 3.43 -3.65 3.64
C31 NCS C . 6.05 0.27 1.61
O1' NCS C . -2.74 1.41 0.01
C1' NCS C . -3.63 2.47 0.29
C2' NCS C . -5.07 2.02 0.03
N2' NCS C . -5.47 0.88 0.85
C2M NCS C . -5.36 1.20 2.27
C3' NCS C . -5.20 1.69 -1.46
O3' NCS C . -6.55 1.39 -1.73
C4' NCS C . -4.75 2.88 -2.30
O4' NCS C . -5.61 3.97 -2.06
C5' NCS C . -3.31 3.25 -1.92
C5M NCS C . -2.85 4.47 -2.71
O5' NCS C . -3.29 3.56 -0.54
H2 NCS C . -0.40 1.40 -2.32
H5 NCS C . 1.25 -1.76 1.14
H7 NCS C . 1.38 -0.18 -4.11
H8 NCS C . 2.93 -2.25 -3.55
HO9 NCS C . 4.07 -2.69 -1.04
H10 NCS C . -1.37 -0.47 2.28
H11 NCS C . -2.15 1.68 2.31
H12 NCS C . -1.19 2.77 -0.08
H13 NCS C . 1.33 -3.68 -0.21
H171 NCS C . -0.11 -4.35 -1.83
H172 NCS C . 0.67 -3.27 -3.01
H22 NCS C . -0.35 -1.75 5.78
H23 NCS C . 1.24 -3.20 4.59
H26 NCS C . 2.59 1.27 1.54
H28 NCS C . 5.01 -2.21 2.01
H301 NCS C . 3.05 -4.40 2.96
H302 NCS C . 4.50 -3.78 3.74
H303 NCS C . 2.98 -3.75 4.61
H311 NCS C . 6.36 -0.69 2.04
H312 NCS C . 6.84 0.64 0.97
H313 NCS C . 5.90 0.99 2.43
H1' NCS C . -3.53 2.76 1.33
H2' NCS C . -5.74 2.85 0.28
HN21 NCS C . -5.14 0.26 0.67
HN22 NCS C . -6.45 0.63 0.63
HM21 NCS C . -4.32 1.15 2.58
HM22 NCS C . -5.94 0.49 2.85
HM23 NCS C . -5.75 2.20 2.45
H3' NCS C . -4.60 0.82 -1.72
HO3' NCS C . -6.96 2.22 -1.97
H4' NCS C . -4.79 2.64 -3.36
HO4' NCS C . -5.20 4.49 -1.38
H5' NCS C . -2.65 2.41 -2.14
HM51 NCS C . -1.83 4.73 -2.43
HM52 NCS C . -3.49 5.32 -2.50
HM53 NCS C . -2.87 4.26 -3.77
C1 NCS C . -0.32 0.79 -0.73
C2 NCS C . 0.16 0.58 -1.99
C3 NCS C . 0.95 -0.52 -2.19
C4 NCS C . 1.26 -1.36 -1.10
C5 NCS C . 0.80 -1.13 0.17
C6 NCS C . -0.01 -0.05 0.35
C7 NCS C . 1.60 -1.04 -3.36
C8 NCS C . 2.28 -2.19 -2.93
C9 NCS C . 2.13 -2.48 -1.46
O9 NCS C . 3.38 -2.37 -0.82
C10 NCS C . -0.63 0.44 1.59
C11 NCS C . -1.09 1.85 1.23
C12 NCS C . -1.20 1.90 -0.30
C13 NCS C . 1.49 -3.85 -1.19
O14 NCS C . 2.50 -4.80 -1.03
C15 NCS C . 2.41 -5.77 -1.97
O15 NCS C . 3.18 -6.71 -2.08
O16 NCS C . 1.36 -5.54 -2.80
C17 NCS C . 0.69 -4.37 -2.39
O18 NCS C . -0.09 2.72 1.70
C19 NCS C . 0.71 2.11 2.61
O19 NCS C . 1.62 2.67 3.22
C20 NCS C . 0.37 0.63 2.74
C21 NCS C . -0.39 0.37 4.03
O21 NCS C . -1.19 1.21 4.44
C22 NCS C . -0.26 -0.95 4.64
C23 NCS C . 0.66 -1.89 4.17
C24 NCS C . 1.65 -1.46 3.28
C25 NCS C . 1.61 -0.23 2.59
C26 NCS C . 2.68 0.17 1.78
C27 NCS C . 3.78 -0.66 1.68
O27 NCS C . 4.85 -0.28 0.91
C28 NCS C . 3.82 -1.88 2.35
C29 NCS C . 2.78 -2.30 3.15
C30 NCS C . 2.88 -3.63 3.85
C31 NCS C . 5.98 -0.11 1.73
O1' NCS C . -2.52 1.56 -0.64
C1' NCS C . -3.41 2.66 -0.61
C2' NCS C . -4.79 2.13 -1.01
N2' NCS C . -5.25 1.07 -0.12
C2M NCS C . -5.46 1.57 1.23
C3' NCS C . -4.69 1.62 -2.45
O3' NCS C . -5.97 1.25 -2.88
C4' NCS C . -4.14 2.71 -3.37
O4' NCS C . -5.03 3.79 -3.41
C5' NCS C . -2.77 3.16 -2.83
C5M NCS C . -2.19 4.27 -3.69
O5' NCS C . -2.95 3.63 -1.52
H2 NCS C . -0.08 1.24 -2.80
H5 NCS C . 1.04 -1.80 0.97
H7 NCS C . 1.57 -0.63 -4.36
H8 NCS C . 2.88 -2.81 -3.58
HO9 NCS C . 3.86 -3.18 -1.04
H10 NCS C . -1.50 -0.17 1.85
H11 NCS C . -2.06 2.05 1.68
H12 NCS C . -0.90 2.84 -0.74
H13 NCS C . 0.85 -3.79 -0.33
H171 NCS C . -0.32 -4.61 -2.07
H172 NCS C . 0.66 -3.65 -3.21
H22 NCS C . -0.83 -1.19 5.52
H23 NCS C . 0.69 -2.87 4.61
H26 NCS C . 2.65 1.11 1.26
H28 NCS C . 4.70 -2.50 2.25
H301 NCS C . 1.89 -4.07 3.96
H302 NCS C . 3.32 -3.49 4.83
H303 NCS C . 3.49 -4.30 3.27
H311 NCS C . 6.14 -0.99 2.35
H312 NCS C . 6.86 0.05 1.12
H313 NCS C . 5.83 0.75 2.39
H1' NCS C . -3.46 3.08 0.39
H2' NCS C . -5.50 2.95 -0.96
HN21 NCS C . -5.76 0.64 -0.39
HN22 NCS C . -4.54 0.32 -0.09
HM21 NCS C . -6.15 2.41 1.21
HM22 NCS C . -5.89 0.78 1.85
HM23 NCS C . -4.52 1.88 1.66
H3' NCS C . -4.05 0.75 -2.51
HO3' NCS C . -6.38 2.04 -3.20
H4' NCS C . -4.01 2.33 -4.38
HO4' NCS C . -4.72 4.43 -2.78
H5' NCS C . -2.08 2.31 -2.85
HM51 NCS C . -2.83 5.16 -3.65
HM52 NCS C . -1.20 4.54 -3.35
HM53 NCS C . -2.12 3.94 -4.74
#